data_7QZO
#
_entry.id   7QZO
#
_cell.length_a   69.152
_cell.length_b   73.532
_cell.length_c   104.348
_cell.angle_alpha   90.000
_cell.angle_beta   90.000
_cell.angle_gamma   90.000
#
_symmetry.space_group_name_H-M   'C 2 2 21'
#
loop_
_entity.id
_entity.type
_entity.pdbx_description
1 polymer 'Histidine kinase'
2 non-polymer 'CADMIUM ION'
3 non-polymer GLYCEROL
4 water water
#
_entity_poly.entity_id   1
_entity_poly.type   'polypeptide(L)'
_entity_poly.pdbx_seq_one_letter_code
;MGHHHHHHSSGVDLGTENLYFQSMGRPPRLLCVDDNPANLLLVQTLLSDLGAQVTAVDSGYAALEVVQRERFDLVFMDVQ
MPGMDGRQATEAIRRWEAEREVSPVPVIALTAHALSNEKRALLQAGMDDYLTKPIDEQQLAQVVLKWTGLSLGQSL
;
_entity_poly.pdbx_strand_id   A,B
#
loop_
_chem_comp.id
_chem_comp.type
_chem_comp.name
_chem_comp.formula
CD non-polymer 'CADMIUM ION' 'Cd 2'
GOL non-polymer GLYCEROL 'C3 H8 O3'
#
# COMPACT_ATOMS: atom_id res chain seq x y z
N GLY A 25 6.81 -21.09 8.61
CA GLY A 25 5.62 -20.79 7.79
C GLY A 25 5.87 -19.61 6.88
N ARG A 26 5.08 -19.45 5.82
CA ARG A 26 5.26 -18.32 4.87
C ARG A 26 4.92 -17.00 5.57
N PRO A 27 5.37 -15.84 5.06
CA PRO A 27 5.00 -14.58 5.67
C PRO A 27 3.50 -14.34 5.54
N PRO A 28 2.85 -13.83 6.60
CA PRO A 28 1.47 -13.41 6.48
C PRO A 28 1.39 -12.16 5.60
N ARG A 29 0.34 -12.11 4.79
CA ARG A 29 0.03 -10.94 3.96
C ARG A 29 -1.07 -10.15 4.65
N LEU A 30 -0.73 -8.95 5.10
CA LEU A 30 -1.62 -8.20 6.00
C LEU A 30 -1.97 -6.88 5.35
N LEU A 31 -3.20 -6.47 5.56
CA LEU A 31 -3.67 -5.12 5.17
C LEU A 31 -3.89 -4.34 6.45
N CYS A 32 -3.34 -3.13 6.52
CA CYS A 32 -3.59 -2.18 7.61
C CYS A 32 -4.38 -1.00 7.05
N VAL A 33 -5.43 -0.60 7.74
CA VAL A 33 -6.32 0.52 7.32
C VAL A 33 -6.37 1.52 8.47
N ASP A 34 -5.94 2.77 8.22
CA ASP A 34 -6.01 3.81 9.28
C ASP A 34 -5.97 5.16 8.59
N ASP A 35 -6.82 6.08 9.01
CA ASP A 35 -6.84 7.44 8.45
C ASP A 35 -5.79 8.35 9.10
N ASN A 36 -5.07 7.90 10.13
CA ASN A 36 -4.00 8.69 10.77
C ASN A 36 -2.68 8.21 10.18
N PRO A 37 -1.98 9.02 9.36
CA PRO A 37 -0.78 8.51 8.69
C PRO A 37 0.29 8.04 9.68
N ALA A 38 0.49 8.75 10.79
CA ALA A 38 1.54 8.37 11.75
C ALA A 38 1.20 7.02 12.39
N ASN A 39 -0.05 6.82 12.76
CA ASN A 39 -0.47 5.55 13.41
C ASN A 39 -0.41 4.42 12.38
N LEU A 40 -0.76 4.72 11.12
CA LEU A 40 -0.73 3.71 10.06
C LEU A 40 0.72 3.25 9.89
N LEU A 41 1.63 4.21 9.83
CA LEU A 41 3.06 3.89 9.61
C LEU A 41 3.57 3.08 10.82
N LEU A 42 3.16 3.44 12.03
CA LEU A 42 3.63 2.74 13.26
C LEU A 42 3.23 1.27 13.17
N VAL A 43 1.96 0.99 12.93
CA VAL A 43 1.47 -0.42 12.91
C VAL A 43 2.09 -1.16 11.71
N GLN A 44 2.15 -0.54 10.54
CA GLN A 44 2.78 -1.13 9.34
C GLN A 44 4.22 -1.52 9.62
N THR A 45 4.98 -0.62 10.24
CA THR A 45 6.42 -0.83 10.53
C THR A 45 6.56 -1.96 11.55
N LEU A 46 5.73 -2.01 12.60
CA LEU A 46 5.82 -3.11 13.60
C LEU A 46 5.63 -4.43 12.85
N LEU A 47 4.64 -4.50 11.97
CA LEU A 47 4.30 -5.75 11.28
C LEU A 47 5.40 -6.11 10.28
N SER A 48 5.88 -5.14 9.51
CA SER A 48 6.93 -5.41 8.50
C SER A 48 8.22 -5.88 9.19
N ASP A 49 8.56 -5.25 10.30
CA ASP A 49 9.78 -5.62 11.07
C ASP A 49 9.67 -7.07 11.57
N LEU A 50 8.46 -7.52 11.86
CA LEU A 50 8.18 -8.90 12.35
C LEU A 50 8.07 -9.89 11.19
N GLY A 51 8.17 -9.43 9.94
CA GLY A 51 8.31 -10.31 8.76
C GLY A 51 7.03 -10.40 7.93
N ALA A 52 5.99 -9.67 8.27
CA ALA A 52 4.75 -9.66 7.48
C ALA A 52 4.99 -8.90 6.18
N GLN A 53 4.21 -9.28 5.16
CA GLN A 53 4.11 -8.51 3.90
C GLN A 53 2.91 -7.59 4.02
N VAL A 54 3.16 -6.30 4.19
CA VAL A 54 2.08 -5.39 4.62
C VAL A 54 1.71 -4.43 3.49
N THR A 55 0.42 -4.26 3.31
CA THR A 55 -0.15 -3.16 2.53
C THR A 55 -0.83 -2.22 3.51
N ALA A 56 -0.67 -0.91 3.33
CA ALA A 56 -1.20 0.08 4.27
C ALA A 56 -2.01 1.12 3.48
N VAL A 57 -3.29 1.24 3.81
CA VAL A 57 -4.19 2.20 3.13
C VAL A 57 -4.83 3.12 4.15
N ASP A 58 -5.39 4.19 3.63
CA ASP A 58 -5.70 5.38 4.42
C ASP A 58 -7.20 5.56 4.67
N SER A 59 -8.03 4.64 4.19
CA SER A 59 -9.49 4.83 4.30
C SER A 59 -10.21 3.50 4.12
N GLY A 60 -11.45 3.49 4.57
CA GLY A 60 -12.36 2.37 4.32
C GLY A 60 -12.64 2.20 2.85
N TYR A 61 -12.70 3.28 2.10
CA TYR A 61 -12.93 3.19 0.65
C TYR A 61 -11.77 2.45 -0.01
N ALA A 62 -10.55 2.82 0.36
CA ALA A 62 -9.31 2.14 -0.10
C ALA A 62 -9.37 0.67 0.32
N ALA A 63 -9.79 0.41 1.55
CA ALA A 63 -9.81 -0.98 2.05
C ALA A 63 -10.68 -1.84 1.12
N LEU A 64 -11.86 -1.36 0.77
CA LEU A 64 -12.75 -2.16 -0.11
C LEU A 64 -12.05 -2.39 -1.43
N GLU A 65 -11.46 -1.36 -2.04
CA GLU A 65 -10.89 -1.50 -3.37
C GLU A 65 -9.69 -2.43 -3.33
N VAL A 66 -8.86 -2.35 -2.32
CA VAL A 66 -7.64 -3.20 -2.28
C VAL A 66 -8.03 -4.66 -1.93
N VAL A 67 -9.08 -4.86 -1.14
CA VAL A 67 -9.55 -6.23 -0.82
C VAL A 67 -10.18 -6.86 -2.07
N GLN A 68 -10.79 -6.08 -2.96
CA GLN A 68 -11.28 -6.64 -4.22
C GLN A 68 -10.07 -7.12 -5.03
N ARG A 69 -9.00 -6.36 -5.04
CA ARG A 69 -7.86 -6.65 -5.89
C ARG A 69 -7.01 -7.79 -5.32
N GLU A 70 -6.71 -7.78 -4.02
CA GLU A 70 -5.68 -8.63 -3.40
C GLU A 70 -6.26 -9.59 -2.37
N ARG A 71 -5.65 -10.76 -2.31
CA ARG A 71 -5.96 -11.77 -1.28
C ARG A 71 -5.01 -11.56 -0.09
N PHE A 72 -5.56 -11.09 1.03
CA PHE A 72 -4.83 -10.98 2.29
C PHE A 72 -5.15 -12.15 3.20
N ASP A 73 -4.23 -12.38 4.13
CA ASP A 73 -4.50 -13.32 5.23
C ASP A 73 -5.38 -12.69 6.28
N LEU A 74 -5.26 -11.38 6.46
CA LEU A 74 -5.96 -10.68 7.57
C LEU A 74 -5.90 -9.18 7.31
N VAL A 75 -6.94 -8.51 7.73
CA VAL A 75 -7.09 -7.05 7.66
C VAL A 75 -7.19 -6.48 9.07
N PHE A 76 -6.37 -5.47 9.36
CA PHE A 76 -6.51 -4.61 10.55
C PHE A 76 -7.21 -3.32 10.16
N MET A 77 -8.38 -3.10 10.73
CA MET A 77 -9.33 -2.04 10.30
C MET A 77 -9.55 -1.02 11.41
N ASP A 78 -9.01 0.19 11.27
CA ASP A 78 -9.35 1.29 12.19
C ASP A 78 -10.88 1.44 12.22
N VAL A 79 -11.45 1.66 13.38
CA VAL A 79 -12.93 1.80 13.48
C VAL A 79 -13.36 3.20 13.07
N GLN A 80 -12.67 4.24 13.56
CA GLN A 80 -13.15 5.63 13.40
C GLN A 80 -12.42 6.26 12.22
N MET A 81 -13.13 6.37 11.10
CA MET A 81 -12.62 7.04 9.89
C MET A 81 -13.78 7.80 9.29
N PRO A 82 -13.55 9.01 8.74
CA PRO A 82 -14.65 9.77 8.19
C PRO A 82 -15.13 9.21 6.84
N GLY A 83 -16.42 9.43 6.57
CA GLY A 83 -17.12 9.00 5.37
C GLY A 83 -17.52 7.53 5.42
N MET A 84 -16.53 6.66 5.52
CA MET A 84 -16.77 5.21 5.64
C MET A 84 -15.97 4.76 6.85
N ASP A 85 -16.67 4.43 7.93
CA ASP A 85 -15.98 3.94 9.14
C ASP A 85 -15.60 2.46 8.97
N GLY A 86 -14.89 1.92 9.95
CA GLY A 86 -14.43 0.54 9.90
C GLY A 86 -15.58 -0.45 9.80
N ARG A 87 -16.70 -0.21 10.47
CA ARG A 87 -17.87 -1.12 10.40
C ARG A 87 -18.43 -1.08 8.99
N GLN A 88 -18.56 0.10 8.39
CA GLN A 88 -19.12 0.27 7.05
C GLN A 88 -18.19 -0.35 6.01
N ALA A 89 -16.87 -0.23 6.21
CA ALA A 89 -15.88 -0.81 5.30
C ALA A 89 -15.98 -2.33 5.37
N THR A 90 -16.14 -2.87 6.58
CA THR A 90 -16.26 -4.33 6.74
C THR A 90 -17.55 -4.80 6.08
N GLU A 91 -18.64 -4.06 6.25
CA GLU A 91 -19.90 -4.44 5.59
C GLU A 91 -19.71 -4.44 4.08
N ALA A 92 -19.01 -3.44 3.55
CA ALA A 92 -18.73 -3.34 2.10
C ALA A 92 -17.97 -4.59 1.64
N ILE A 93 -16.96 -4.96 2.40
CA ILE A 93 -16.13 -6.14 2.10
C ILE A 93 -17.00 -7.40 2.12
N ARG A 94 -17.81 -7.56 3.13
CA ARG A 94 -18.62 -8.78 3.28
C ARG A 94 -19.65 -8.84 2.15
N ARG A 95 -20.25 -7.70 1.77
CA ARG A 95 -21.21 -7.70 0.65
C ARG A 95 -20.51 -8.11 -0.64
N TRP A 96 -19.31 -7.58 -0.90
CA TRP A 96 -18.59 -7.93 -2.12
C TRP A 96 -18.19 -9.41 -2.07
N GLU A 97 -17.69 -9.89 -0.94
CA GLU A 97 -17.26 -11.30 -0.86
C GLU A 97 -18.43 -12.22 -1.19
N ALA A 98 -19.61 -11.87 -0.70
CA ALA A 98 -20.81 -12.71 -0.92
C ALA A 98 -21.26 -12.64 -2.38
N GLU A 99 -21.31 -11.44 -2.96
CA GLU A 99 -21.82 -11.27 -4.34
C GLU A 99 -20.79 -11.81 -5.32
N ARG A 100 -19.50 -11.59 -5.05
CA ARG A 100 -18.43 -11.97 -5.99
C ARG A 100 -18.12 -13.46 -5.87
N GLU A 101 -18.29 -13.99 -4.66
CA GLU A 101 -18.09 -15.40 -4.23
C GLU A 101 -16.60 -15.64 -3.98
N VAL A 102 -16.15 -15.11 -2.86
CA VAL A 102 -14.73 -15.12 -2.46
C VAL A 102 -14.68 -15.54 -0.99
N SER A 103 -13.71 -16.36 -0.61
CA SER A 103 -13.50 -16.79 0.78
C SER A 103 -13.33 -15.54 1.65
N PRO A 104 -13.98 -15.48 2.84
CA PRO A 104 -13.90 -14.32 3.69
C PRO A 104 -12.53 -14.11 4.32
N VAL A 105 -12.13 -12.86 4.34
CA VAL A 105 -10.87 -12.46 5.01
C VAL A 105 -11.18 -12.09 6.46
N PRO A 106 -10.37 -12.55 7.44
CA PRO A 106 -10.50 -12.06 8.79
C PRO A 106 -10.30 -10.55 8.87
N VAL A 107 -11.17 -9.90 9.62
CA VAL A 107 -11.09 -8.44 9.84
C VAL A 107 -11.04 -8.18 11.34
N ILE A 108 -9.96 -7.55 11.76
CA ILE A 108 -9.71 -7.24 13.19
C ILE A 108 -9.85 -5.74 13.38
N ALA A 109 -10.79 -5.32 14.22
CA ALA A 109 -10.97 -3.89 14.52
C ALA A 109 -9.80 -3.38 15.36
N LEU A 110 -9.31 -2.19 15.05
CA LEU A 110 -8.41 -1.42 15.94
C LEU A 110 -9.21 -0.26 16.52
N THR A 111 -9.42 -0.27 17.83
CA THR A 111 -10.40 0.64 18.47
C THR A 111 -9.75 1.25 19.71
N ALA A 112 -10.08 2.49 20.00
CA ALA A 112 -9.62 3.24 21.20
C ALA A 112 -9.87 2.44 22.49
N HIS A 113 -11.13 2.39 22.90
CA HIS A 113 -11.59 1.90 24.22
C HIS A 113 -13.08 1.60 24.09
N ALA A 114 -13.42 0.35 23.80
CA ALA A 114 -14.78 -0.03 23.35
C ALA A 114 -15.51 -0.71 24.50
N LEU A 115 -16.75 -0.31 24.75
CA LEU A 115 -17.62 -1.03 25.69
C LEU A 115 -18.21 -2.26 24.97
N SER A 116 -18.91 -3.11 25.71
CA SER A 116 -19.48 -4.38 25.25
C SER A 116 -20.40 -4.11 24.06
N ASN A 117 -21.24 -3.08 24.14
CA ASN A 117 -22.23 -2.81 23.06
C ASN A 117 -21.46 -2.42 21.78
N GLU A 118 -20.35 -1.69 21.91
CA GLU A 118 -19.55 -1.28 20.73
C GLU A 118 -18.89 -2.53 20.12
N LYS A 119 -18.39 -3.42 20.96
CA LYS A 119 -17.74 -4.64 20.46
C LYS A 119 -18.79 -5.50 19.74
N ARG A 120 -20.00 -5.61 20.30
CA ARG A 120 -21.08 -6.40 19.67
C ARG A 120 -21.38 -5.79 18.30
N ALA A 121 -21.42 -4.46 18.19
CA ALA A 121 -21.65 -3.78 16.90
C ALA A 121 -20.51 -4.09 15.90
N LEU A 122 -19.27 -4.17 16.35
CA LEU A 122 -18.16 -4.51 15.41
C LEU A 122 -18.43 -5.91 14.84
N LEU A 123 -18.78 -6.86 15.72
CA LEU A 123 -19.04 -8.25 15.26
C LEU A 123 -20.27 -8.28 14.36
N GLN A 124 -21.31 -7.50 14.68
CA GLN A 124 -22.55 -7.46 13.85
C GLN A 124 -22.22 -6.95 12.44
N ALA A 125 -21.23 -6.04 12.31
CA ALA A 125 -20.80 -5.49 11.01
C ALA A 125 -20.00 -6.51 10.20
N GLY A 126 -19.61 -7.64 10.80
CA GLY A 126 -18.87 -8.71 10.13
C GLY A 126 -17.41 -8.76 10.53
N MET A 127 -16.99 -7.96 11.49
CA MET A 127 -15.62 -8.01 12.02
C MET A 127 -15.48 -9.28 12.86
N ASP A 128 -14.27 -9.80 12.93
CA ASP A 128 -14.04 -11.11 13.59
C ASP A 128 -13.53 -10.95 15.02
N ASP A 129 -12.82 -9.86 15.30
CA ASP A 129 -12.12 -9.68 16.58
C ASP A 129 -11.71 -8.22 16.66
N TYR A 130 -11.12 -7.84 17.79
CA TYR A 130 -10.77 -6.44 18.02
C TYR A 130 -9.54 -6.40 18.91
N LEU A 131 -8.77 -5.35 18.73
CA LEU A 131 -7.66 -4.95 19.63
C LEU A 131 -7.93 -3.52 20.11
N THR A 132 -7.65 -3.23 21.37
CA THR A 132 -7.79 -1.86 21.90
C THR A 132 -6.43 -1.16 21.80
N LYS A 133 -6.43 0.04 21.20
CA LYS A 133 -5.27 0.96 21.06
C LYS A 133 -4.82 1.40 22.44
N PRO A 134 -3.53 1.76 22.64
CA PRO A 134 -2.52 1.70 21.59
C PRO A 134 -2.11 0.25 21.32
N ILE A 135 -1.73 0.00 20.07
CA ILE A 135 -1.53 -1.38 19.57
C ILE A 135 -0.10 -1.79 19.89
N ASP A 136 0.13 -2.99 20.46
CA ASP A 136 1.52 -3.44 20.70
C ASP A 136 1.82 -4.73 19.93
N GLU A 137 3.12 -4.95 19.74
CA GLU A 137 3.67 -6.08 18.96
C GLU A 137 3.05 -7.39 19.46
N GLN A 138 2.94 -7.60 20.78
CA GLN A 138 2.50 -8.93 21.26
C GLN A 138 1.03 -9.14 20.86
N GLN A 139 0.19 -8.13 21.06
CA GLN A 139 -1.26 -8.24 20.72
C GLN A 139 -1.37 -8.53 19.22
N LEU A 140 -0.59 -7.82 18.40
CA LEU A 140 -0.65 -8.03 16.92
C LEU A 140 -0.21 -9.44 16.56
N ALA A 141 0.91 -9.91 17.13
CA ALA A 141 1.43 -11.26 16.82
C ALA A 141 0.41 -12.31 17.24
N GLN A 142 -0.21 -12.12 18.39
CA GLN A 142 -1.14 -13.13 18.97
C GLN A 142 -2.38 -13.20 18.07
N VAL A 143 -2.91 -12.06 17.63
CA VAL A 143 -4.17 -12.09 16.85
C VAL A 143 -3.87 -12.61 15.44
N VAL A 144 -2.71 -12.31 14.87
CA VAL A 144 -2.35 -12.89 13.55
C VAL A 144 -2.28 -14.42 13.69
N LEU A 145 -1.61 -14.93 14.72
CA LEU A 145 -1.48 -16.40 14.84
C LEU A 145 -2.88 -17.01 15.03
N LYS A 146 -3.71 -16.42 15.88
CA LYS A 146 -5.05 -16.95 16.19
C LYS A 146 -5.86 -17.11 14.90
N TRP A 147 -5.83 -16.09 14.05
CA TRP A 147 -6.79 -16.03 12.92
C TRP A 147 -6.21 -16.61 11.63
N THR A 148 -4.89 -16.74 11.53
CA THR A 148 -4.27 -17.15 10.24
C THR A 148 -3.45 -18.43 10.38
N GLY A 149 -2.98 -18.79 11.58
CA GLY A 149 -2.01 -19.88 11.78
C GLY A 149 -0.57 -19.47 11.53
N LEU A 150 -0.34 -18.24 11.05
CA LEU A 150 1.04 -17.79 10.74
C LEU A 150 1.61 -17.03 11.91
N SER A 151 2.89 -17.30 12.19
CA SER A 151 3.66 -16.67 13.28
C SER A 151 4.36 -15.43 12.73
N LEU A 152 4.46 -14.40 13.56
CA LEU A 152 5.36 -13.24 13.35
C LEU A 152 6.52 -13.31 14.31
N GLY A 153 7.66 -12.68 13.97
CA GLY A 153 8.79 -12.44 14.87
C GLY A 153 9.79 -13.59 14.88
N ARG B 26 1.82 19.21 3.78
CA ARG B 26 1.69 17.72 3.70
C ARG B 26 2.98 17.16 3.11
N PRO B 27 3.50 16.01 3.58
CA PRO B 27 4.69 15.42 2.96
C PRO B 27 4.43 14.93 1.55
N PRO B 28 5.50 14.78 0.75
CA PRO B 28 5.36 14.17 -0.56
C PRO B 28 4.73 12.77 -0.44
N ARG B 29 3.86 12.45 -1.36
CA ARG B 29 3.18 11.15 -1.39
C ARG B 29 3.72 10.36 -2.56
N LEU B 30 4.29 9.20 -2.28
CA LEU B 30 5.04 8.45 -3.30
C LEU B 30 4.48 7.02 -3.40
N LEU B 31 4.47 6.51 -4.62
CA LEU B 31 4.10 5.11 -4.90
C LEU B 31 5.33 4.35 -5.33
N CYS B 32 5.51 3.17 -4.77
CA CYS B 32 6.59 2.18 -5.09
C CYS B 32 5.84 0.97 -5.69
N VAL B 33 6.34 0.39 -6.78
CA VAL B 33 5.73 -0.78 -7.47
C VAL B 33 6.84 -1.80 -7.73
N ASP B 34 6.69 -3.03 -7.23
CA ASP B 34 7.71 -4.07 -7.48
C ASP B 34 7.09 -5.42 -7.17
N ASP B 35 7.35 -6.40 -8.02
CA ASP B 35 6.83 -7.76 -7.82
C ASP B 35 7.73 -8.61 -6.92
N ASN B 36 8.84 -8.06 -6.44
CA ASN B 36 9.75 -8.76 -5.51
C ASN B 36 9.54 -8.14 -4.13
N PRO B 37 8.97 -8.88 -3.16
CA PRO B 37 8.63 -8.29 -1.88
C PRO B 37 9.82 -7.66 -1.16
N ALA B 38 10.99 -8.29 -1.21
CA ALA B 38 12.19 -7.73 -0.52
C ALA B 38 12.59 -6.40 -1.17
N ASN B 39 12.63 -6.34 -2.50
CA ASN B 39 13.04 -5.10 -3.20
C ASN B 39 11.98 -4.02 -2.96
N LEU B 40 10.71 -4.39 -2.91
CA LEU B 40 9.63 -3.41 -2.68
C LEU B 40 9.81 -2.80 -1.28
N LEU B 41 10.02 -3.66 -0.29
CA LEU B 41 10.19 -3.20 1.11
C LEU B 41 11.43 -2.31 1.21
N LEU B 42 12.51 -2.61 0.48
CA LEU B 42 13.74 -1.78 0.57
C LEU B 42 13.40 -0.37 0.10
N VAL B 43 12.81 -0.23 -1.08
CA VAL B 43 12.53 1.11 -1.64
C VAL B 43 11.53 1.82 -0.73
N GLN B 44 10.48 1.14 -0.30
CA GLN B 44 9.46 1.74 0.57
C GLN B 44 10.12 2.24 1.85
N THR B 45 11.03 1.46 2.43
CA THR B 45 11.67 1.83 3.71
C THR B 45 12.52 3.08 3.51
N LEU B 46 13.24 3.17 2.40
CA LEU B 46 14.11 4.35 2.13
C LEU B 46 13.23 5.58 1.90
N LEU B 47 12.14 5.45 1.17
CA LEU B 47 11.27 6.63 0.91
C LEU B 47 10.56 7.07 2.21
N SER B 48 10.09 6.14 3.05
CA SER B 48 9.46 6.49 4.35
C SER B 48 10.53 7.15 5.24
N ASP B 49 11.77 6.69 5.18
CA ASP B 49 12.88 7.26 5.99
C ASP B 49 13.15 8.71 5.58
N LEU B 50 12.92 9.04 4.31
CA LEU B 50 13.10 10.42 3.78
C LEU B 50 11.90 11.31 4.19
N GLY B 51 10.87 10.74 4.81
CA GLY B 51 9.71 11.50 5.32
C GLY B 51 8.53 11.51 4.35
N ALA B 52 8.57 10.71 3.29
CA ALA B 52 7.44 10.62 2.35
C ALA B 52 6.33 9.75 2.96
N GLN B 53 5.11 10.05 2.57
CA GLN B 53 3.94 9.16 2.77
C GLN B 53 3.98 8.14 1.63
N VAL B 54 4.19 6.87 1.91
CA VAL B 54 4.49 5.88 0.84
C VAL B 54 3.43 4.78 0.75
N THR B 55 3.03 4.47 -0.46
CA THR B 55 2.24 3.27 -0.80
C THR B 55 3.17 2.33 -1.57
N ALA B 56 3.07 1.05 -1.30
CA ALA B 56 3.87 0.01 -1.95
C ALA B 56 2.94 -1.07 -2.49
N VAL B 57 2.97 -1.28 -3.79
CA VAL B 57 2.12 -2.29 -4.45
C VAL B 57 2.96 -3.25 -5.27
N ASP B 58 2.35 -4.39 -5.56
CA ASP B 58 3.10 -5.58 -6.04
C ASP B 58 3.02 -5.86 -7.54
N SER B 59 2.36 -5.03 -8.32
CA SER B 59 2.11 -5.32 -9.75
C SER B 59 1.74 -4.04 -10.49
N GLY B 60 1.88 -4.10 -11.79
CA GLY B 60 1.46 -3.03 -12.69
C GLY B 60 -0.03 -2.84 -12.66
N TYR B 61 -0.78 -3.93 -12.50
CA TYR B 61 -2.24 -3.85 -12.39
C TYR B 61 -2.57 -3.03 -11.16
N ALA B 62 -1.92 -3.35 -10.04
CA ALA B 62 -2.17 -2.62 -8.80
C ALA B 62 -1.78 -1.16 -8.98
N ALA B 63 -0.66 -0.89 -9.66
CA ALA B 63 -0.20 0.49 -9.86
C ALA B 63 -1.28 1.31 -10.57
N LEU B 64 -1.88 0.78 -11.62
CA LEU B 64 -2.96 1.51 -12.32
C LEU B 64 -4.09 1.80 -11.34
N GLU B 65 -4.52 0.79 -10.60
CA GLU B 65 -5.73 0.96 -9.78
C GLU B 65 -5.45 1.97 -8.66
N VAL B 66 -4.28 1.91 -8.03
CA VAL B 66 -4.01 2.83 -6.91
C VAL B 66 -3.73 4.25 -7.41
N VAL B 67 -3.21 4.42 -8.61
CA VAL B 67 -3.02 5.76 -9.21
C VAL B 67 -4.38 6.38 -9.53
N GLN B 68 -5.38 5.57 -9.87
CA GLN B 68 -6.75 6.12 -10.06
C GLN B 68 -7.28 6.59 -8.72
N ARG B 69 -7.03 5.81 -7.66
CA ARG B 69 -7.64 6.06 -6.35
C ARG B 69 -6.98 7.23 -5.61
N GLU B 70 -5.65 7.28 -5.59
CA GLU B 70 -4.88 8.19 -4.71
C GLU B 70 -4.02 9.13 -5.55
N ARG B 71 -3.79 10.32 -5.03
CA ARG B 71 -2.93 11.32 -5.70
C ARG B 71 -1.51 11.20 -5.16
N PHE B 72 -0.62 10.73 -6.00
CA PHE B 72 0.82 10.66 -5.73
C PHE B 72 1.52 11.80 -6.43
N ASP B 73 2.59 12.26 -5.80
CA ASP B 73 3.52 13.21 -6.43
C ASP B 73 4.42 12.52 -7.45
N LEU B 74 4.73 11.25 -7.24
CA LEU B 74 5.67 10.56 -8.13
C LEU B 74 5.52 9.06 -7.88
N VAL B 75 5.74 8.28 -8.92
CA VAL B 75 5.69 6.80 -8.89
C VAL B 75 7.06 6.24 -9.27
N PHE B 76 7.54 5.31 -8.47
CA PHE B 76 8.70 4.45 -8.82
C PHE B 76 8.18 3.11 -9.28
N MET B 77 8.53 2.72 -10.51
CA MET B 77 7.92 1.55 -11.21
C MET B 77 9.01 0.54 -11.58
N ASP B 78 8.92 -0.66 -11.03
CA ASP B 78 9.71 -1.81 -11.50
C ASP B 78 9.40 -2.04 -12.98
N VAL B 79 10.42 -2.33 -13.76
CA VAL B 79 10.25 -2.57 -15.21
C VAL B 79 9.76 -4.00 -15.44
N GLN B 80 10.36 -5.01 -14.81
CA GLN B 80 10.03 -6.40 -15.17
C GLN B 80 9.01 -6.97 -14.19
N MET B 81 7.78 -7.16 -14.64
CA MET B 81 6.71 -7.81 -13.86
C MET B 81 5.86 -8.61 -14.83
N PRO B 82 5.35 -9.78 -14.41
CA PRO B 82 4.53 -10.62 -15.27
C PRO B 82 3.14 -10.03 -15.54
N GLY B 83 2.64 -10.27 -16.74
CA GLY B 83 1.30 -9.88 -17.21
C GLY B 83 1.29 -8.44 -17.71
N MET B 84 1.51 -7.52 -16.78
CA MET B 84 1.66 -6.09 -17.08
C MET B 84 3.02 -5.62 -16.57
N ASP B 85 3.94 -5.36 -17.48
CA ASP B 85 5.28 -4.87 -17.06
C ASP B 85 5.20 -3.37 -16.78
N GLY B 86 6.31 -2.82 -16.27
CA GLY B 86 6.30 -1.40 -15.90
C GLY B 86 6.01 -0.45 -17.06
N ARG B 87 6.42 -0.80 -18.28
CA ARG B 87 6.12 0.01 -19.49
C ARG B 87 4.61 -0.02 -19.73
N GLN B 88 4.01 -1.20 -19.66
CA GLN B 88 2.57 -1.36 -19.93
C GLN B 88 1.78 -0.65 -18.84
N ALA B 89 2.25 -0.73 -17.59
CA ALA B 89 1.55 -0.06 -16.48
C ALA B 89 1.60 1.46 -16.67
N THR B 90 2.74 1.97 -17.13
CA THR B 90 2.87 3.42 -17.35
C THR B 90 1.92 3.84 -18.48
N GLU B 91 1.86 3.06 -19.54
CA GLU B 91 0.93 3.34 -20.64
C GLU B 91 -0.51 3.34 -20.12
N ALA B 92 -0.85 2.37 -19.28
CA ALA B 92 -2.20 2.30 -18.68
C ALA B 92 -2.50 3.57 -17.88
N ILE B 93 -1.51 4.02 -17.10
CA ILE B 93 -1.70 5.24 -16.28
C ILE B 93 -1.91 6.43 -17.22
N ARG B 94 -1.06 6.54 -18.23
CA ARG B 94 -1.12 7.70 -19.15
C ARG B 94 -2.47 7.74 -19.87
N ARG B 95 -2.98 6.57 -20.28
CA ARG B 95 -4.28 6.51 -20.98
C ARG B 95 -5.39 6.94 -20.02
N TRP B 96 -5.35 6.48 -18.79
CA TRP B 96 -6.36 6.89 -17.78
C TRP B 96 -6.27 8.40 -17.54
N GLU B 97 -5.07 8.92 -17.35
CA GLU B 97 -4.89 10.37 -17.07
C GLU B 97 -5.52 11.19 -18.20
N ALA B 98 -5.29 10.77 -19.43
CA ALA B 98 -5.75 11.52 -20.60
C ALA B 98 -7.29 11.48 -20.67
N GLU B 99 -7.87 10.30 -20.52
CA GLU B 99 -9.33 10.14 -20.66
C GLU B 99 -10.04 10.74 -19.44
N ARG B 100 -9.51 10.52 -18.24
CA ARG B 100 -10.17 10.96 -16.99
C ARG B 100 -9.99 12.47 -16.80
N GLU B 101 -8.94 13.00 -17.40
CA GLU B 101 -8.55 14.44 -17.42
C GLU B 101 -8.02 14.78 -16.03
N VAL B 102 -6.89 14.19 -15.72
CA VAL B 102 -6.22 14.30 -14.40
C VAL B 102 -4.77 14.73 -14.65
N SER B 103 -4.25 15.59 -13.80
CA SER B 103 -2.85 16.07 -13.85
C SER B 103 -1.95 14.85 -13.85
N PRO B 104 -1.01 14.74 -14.81
CA PRO B 104 -0.14 13.56 -14.86
C PRO B 104 0.84 13.46 -13.71
N VAL B 105 1.17 12.22 -13.38
CA VAL B 105 2.15 11.89 -12.34
C VAL B 105 3.44 11.45 -13.00
N PRO B 106 4.60 11.98 -12.58
CA PRO B 106 5.87 11.48 -13.07
C PRO B 106 6.04 10.01 -12.66
N VAL B 107 6.58 9.23 -13.58
CA VAL B 107 6.87 7.79 -13.37
C VAL B 107 8.34 7.55 -13.67
N ILE B 108 9.03 6.98 -12.68
CA ILE B 108 10.47 6.71 -12.71
C ILE B 108 10.65 5.20 -12.72
N ALA B 109 11.34 4.69 -13.71
CA ALA B 109 11.62 3.25 -13.79
C ALA B 109 12.72 2.88 -12.80
N LEU B 110 12.55 1.72 -12.17
CA LEU B 110 13.60 1.05 -11.39
C LEU B 110 14.05 -0.15 -12.21
N THR B 111 15.31 -0.15 -12.61
CA THR B 111 15.87 -1.22 -13.49
C THR B 111 17.15 -1.78 -12.87
N ALA B 112 17.40 -3.08 -13.05
CA ALA B 112 18.62 -3.79 -12.58
C ALA B 112 19.86 -3.17 -13.24
N HIS B 113 20.07 -3.45 -14.52
CA HIS B 113 21.09 -2.81 -15.39
C HIS B 113 20.61 -2.89 -16.83
N ALA B 114 19.98 -1.82 -17.29
CA ALA B 114 19.25 -1.73 -18.56
C ALA B 114 20.24 -1.47 -19.71
N LEU B 115 20.00 -2.06 -20.87
CA LEU B 115 20.72 -1.73 -22.12
C LEU B 115 20.16 -0.39 -22.64
N SER B 116 20.88 0.27 -23.56
CA SER B 116 20.45 1.55 -24.17
C SER B 116 19.06 1.40 -24.79
N ASN B 117 18.81 0.29 -25.51
CA ASN B 117 17.50 0.05 -26.16
C ASN B 117 16.42 -0.05 -25.08
N GLU B 118 16.70 -0.67 -23.93
CA GLU B 118 15.71 -0.74 -22.83
C GLU B 118 15.45 0.67 -22.27
N LYS B 119 16.48 1.49 -22.06
CA LYS B 119 16.34 2.87 -21.52
C LYS B 119 15.45 3.71 -22.48
N ARG B 120 15.70 3.63 -23.79
CA ARG B 120 14.87 4.32 -24.80
C ARG B 120 13.43 3.77 -24.76
N ALA B 121 13.24 2.47 -24.55
CA ALA B 121 11.89 1.85 -24.53
C ALA B 121 11.09 2.35 -23.32
N LEU B 122 11.76 2.61 -22.19
CA LEU B 122 11.04 3.13 -21.00
C LEU B 122 10.45 4.50 -21.34
N LEU B 123 11.21 5.36 -22.03
CA LEU B 123 10.75 6.74 -22.31
C LEU B 123 9.64 6.69 -23.36
N GLN B 124 9.75 5.78 -24.33
CA GLN B 124 8.72 5.60 -25.37
C GLN B 124 7.39 5.22 -24.69
N ALA B 125 7.42 4.46 -23.57
CA ALA B 125 6.20 3.98 -22.87
C ALA B 125 5.58 5.08 -21.99
N GLY B 126 6.21 6.25 -21.87
CA GLY B 126 5.63 7.35 -21.09
C GLY B 126 6.31 7.53 -19.74
N MET B 127 7.32 6.72 -19.46
CA MET B 127 8.11 6.87 -18.21
C MET B 127 8.98 8.12 -18.41
N ASP B 128 9.21 8.84 -17.34
CA ASP B 128 9.93 10.14 -17.39
C ASP B 128 11.44 9.96 -17.26
N ASP B 129 11.86 8.94 -16.53
CA ASP B 129 13.29 8.78 -16.17
C ASP B 129 13.46 7.38 -15.59
N TYR B 130 14.68 7.07 -15.22
CA TYR B 130 14.98 5.77 -14.60
C TYR B 130 16.11 5.95 -13.60
N LEU B 131 16.17 4.95 -12.72
CA LEU B 131 17.28 4.68 -11.78
C LEU B 131 17.71 3.23 -11.95
N THR B 132 19.00 2.97 -11.80
CA THR B 132 19.56 1.59 -11.80
C THR B 132 19.59 1.07 -10.35
N LYS B 133 19.28 -0.22 -10.19
CA LYS B 133 19.12 -1.04 -8.93
C LYS B 133 19.90 -0.50 -7.73
N PRO B 134 21.23 -0.28 -7.77
CA PRO B 134 21.96 0.16 -6.57
C PRO B 134 21.35 1.49 -6.13
N ILE B 135 20.17 1.46 -5.53
CA ILE B 135 19.36 2.66 -5.15
C ILE B 135 19.91 3.14 -3.80
N ASP B 136 20.06 4.45 -3.60
CA ASP B 136 20.28 4.96 -2.22
C ASP B 136 19.38 6.16 -1.97
N GLU B 137 19.25 6.53 -0.70
CA GLU B 137 18.31 7.59 -0.28
C GLU B 137 18.65 8.89 -1.00
N GLN B 138 19.94 9.22 -1.13
CA GLN B 138 20.32 10.53 -1.74
C GLN B 138 19.79 10.56 -3.18
N GLN B 139 19.96 9.47 -3.92
CA GLN B 139 19.51 9.43 -5.34
C GLN B 139 17.98 9.54 -5.39
N LEU B 140 17.28 8.83 -4.52
CA LEU B 140 15.80 8.87 -4.52
C LEU B 140 15.36 10.32 -4.27
N ALA B 141 15.97 10.99 -3.30
CA ALA B 141 15.60 12.38 -2.96
C ALA B 141 15.90 13.31 -4.14
N GLN B 142 17.03 13.10 -4.85
CA GLN B 142 17.34 13.94 -6.03
C GLN B 142 16.26 13.73 -7.09
N VAL B 143 15.84 12.49 -7.33
CA VAL B 143 14.84 12.22 -8.38
C VAL B 143 13.53 12.93 -8.01
N VAL B 144 13.13 12.86 -6.75
CA VAL B 144 11.87 13.51 -6.32
C VAL B 144 12.04 15.02 -6.51
N LEU B 145 13.16 15.60 -6.11
CA LEU B 145 13.32 17.07 -6.28
C LEU B 145 13.25 17.45 -7.75
N LYS B 146 13.95 16.72 -8.61
CA LYS B 146 13.97 17.01 -10.04
C LYS B 146 12.56 16.97 -10.62
N TRP B 147 11.81 15.92 -10.34
CA TRP B 147 10.56 15.65 -11.09
C TRP B 147 9.33 16.26 -10.40
N THR B 148 9.42 16.62 -9.11
CA THR B 148 8.26 17.19 -8.38
C THR B 148 8.53 18.59 -7.79
N GLY B 149 9.80 18.99 -7.64
CA GLY B 149 10.19 20.23 -6.93
C GLY B 149 10.10 20.11 -5.42
N LEU B 150 9.74 18.93 -4.90
CA LEU B 150 9.55 18.72 -3.45
C LEU B 150 10.83 18.18 -2.83
N SER B 151 11.12 18.70 -1.64
CA SER B 151 12.29 18.34 -0.81
C SER B 151 11.92 17.22 0.14
N LEU B 152 12.88 16.36 0.41
CA LEU B 152 12.75 15.22 1.35
C LEU B 152 13.91 15.26 2.35
N GLY B 153 13.99 14.27 3.24
CA GLY B 153 15.17 14.08 4.11
C GLY B 153 15.36 15.25 5.06
N GLN B 154 16.60 15.71 5.25
CA GLN B 154 16.93 16.84 6.15
C GLN B 154 16.26 18.14 5.64
N SER B 155 15.82 18.19 4.38
CA SER B 155 15.17 19.38 3.78
C SER B 155 13.64 19.22 3.75
N LEU B 156 13.11 18.12 4.31
CA LEU B 156 11.66 17.99 4.65
C LEU B 156 11.38 18.81 5.91
CD CD C . -9.06 6.74 12.92
CD CD D . -1.26 -8.15 -6.46
CD CD E . -7.07 8.20 0.45
C1 GOL F . -26.73 -10.25 -7.72
O1 GOL F . -25.67 -10.96 -7.09
C2 GOL F . -27.99 -11.10 -7.79
O2 GOL F . -27.64 -12.45 -7.48
C3 GOL F . -29.10 -10.65 -6.86
O3 GOL F . -30.34 -11.27 -7.20
CD CD G . 10.54 -7.21 -11.07
CD CD H . 17.67 10.78 -15.12
#